data_4MWG
#
_entry.id   4MWG
#
_cell.length_a   184.180
_cell.length_b   184.180
_cell.length_c   184.180
_cell.angle_alpha   90.000
_cell.angle_beta   90.000
_cell.angle_gamma   90.000
#
_symmetry.space_group_name_H-M   'F 4 3 2'
#
loop_
_entity.id
_entity.type
_entity.pdbx_description
1 polymer 'Putative dihydromethanopterin reductase (AfpA)'
2 non-polymer 'SULFATE ION'
3 water water
#
_entity_poly.entity_id   1
_entity_poly.type   'polypeptide(L)'
_entity_poly.pdbx_seq_one_letter_code
;MHHHHHHMTQAPARNLADFKPDARFAWCVTGSGHLLDESIALALELPRADLFLSAAAEEVLPLYGWALPRLRKHFRVFRD
NSASGVPVGMLYHGMYHTVVIAPATSNTVAKCAFGISDTLPTNMYAQAGKQCIPGIVFACDTEPTVVTQSPNEWVELRPR
AIELDNVERLSRFEYTTLVRSLDELKAALGERLSTLDLA
;
_entity_poly.pdbx_strand_id   A
#
loop_
_chem_comp.id
_chem_comp.type
_chem_comp.name
_chem_comp.formula
SO4 non-polymer 'SULFATE ION' 'O4 S -2'
#
# COMPACT_ATOMS: atom_id res chain seq x y z
N PHE A 19 3.22 19.77 -4.06
CA PHE A 19 4.34 18.99 -3.53
C PHE A 19 5.66 19.44 -4.15
N LYS A 20 6.78 19.03 -3.54
CA LYS A 20 8.11 19.30 -4.06
C LYS A 20 8.26 18.76 -5.49
N PRO A 21 9.20 19.33 -6.26
CA PRO A 21 9.41 18.84 -7.63
C PRO A 21 9.83 17.36 -7.67
N ASP A 22 10.58 16.91 -6.67
CA ASP A 22 11.09 15.54 -6.66
C ASP A 22 10.28 14.65 -5.71
N ALA A 23 9.04 15.03 -5.46
CA ALA A 23 8.13 14.23 -4.65
C ALA A 23 8.01 12.81 -5.18
N ARG A 24 7.77 11.86 -4.29
CA ARG A 24 7.77 10.45 -4.65
C ARG A 24 6.46 9.76 -4.35
N PHE A 25 6.37 8.51 -4.80
CA PHE A 25 5.34 7.60 -4.34
C PHE A 25 5.73 7.05 -2.98
N ALA A 26 4.80 7.04 -2.02
CA ALA A 26 4.99 6.28 -0.77
C ALA A 26 4.32 4.92 -0.94
N TRP A 27 5.11 3.91 -1.30
CA TRP A 27 4.54 2.60 -1.60
C TRP A 27 4.59 1.70 -0.36
N CYS A 28 3.44 1.46 0.25
CA CYS A 28 3.34 0.62 1.45
C CYS A 28 3.09 -0.82 1.10
N VAL A 29 3.73 -1.72 1.85
CA VAL A 29 3.58 -3.15 1.65
C VAL A 29 3.05 -3.80 2.94
N THR A 30 2.04 -4.67 2.84
CA THR A 30 1.50 -5.40 4.01
C THR A 30 1.81 -6.91 3.92
N GLY A 31 1.47 -7.65 4.97
CA GLY A 31 1.81 -9.06 5.09
C GLY A 31 1.05 -10.05 4.20
N SER A 32 1.07 -9.81 2.89
CA SER A 32 0.45 -10.72 1.93
C SER A 32 1.46 -11.19 0.89
N GLY A 33 1.50 -12.50 0.64
CA GLY A 33 2.37 -13.03 -0.41
C GLY A 33 1.64 -13.04 -1.74
N HIS A 34 0.32 -12.85 -1.68
CA HIS A 34 -0.51 -12.91 -2.86
C HIS A 34 -0.20 -11.75 -3.79
N LEU A 35 0.31 -12.09 -4.96
CA LEU A 35 0.67 -11.11 -6.00
C LEU A 35 1.68 -10.10 -5.47
N LEU A 36 2.43 -10.52 -4.46
CA LEU A 36 3.45 -9.68 -3.84
C LEU A 36 4.57 -9.37 -4.81
N ASP A 37 5.00 -10.42 -5.52
CA ASP A 37 6.09 -10.32 -6.46
C ASP A 37 5.76 -9.34 -7.59
N GLU A 38 4.54 -9.46 -8.10
CA GLU A 38 4.08 -8.61 -9.18
C GLU A 38 3.86 -7.17 -8.70
N SER A 39 3.51 -7.01 -7.43
CA SER A 39 3.34 -5.67 -6.89
C SER A 39 4.69 -4.94 -6.82
N ILE A 40 5.71 -5.63 -6.31
CA ILE A 40 7.06 -5.06 -6.24
C ILE A 40 7.58 -4.75 -7.64
N ALA A 41 7.26 -5.62 -8.60
CA ALA A 41 7.66 -5.40 -9.98
C ALA A 41 7.05 -4.10 -10.51
N LEU A 42 5.80 -3.83 -10.13
CA LEU A 42 5.15 -2.58 -10.56
C LEU A 42 5.81 -1.38 -9.91
N ALA A 43 6.18 -1.50 -8.64
CA ALA A 43 6.83 -0.41 -7.92
C ALA A 43 8.18 -0.07 -8.53
N LEU A 44 8.85 -1.09 -9.06
CA LEU A 44 10.15 -0.92 -9.71
C LEU A 44 10.05 -0.09 -10.98
N GLU A 45 8.94 -0.22 -11.70
CA GLU A 45 8.72 0.55 -12.92
C GLU A 45 8.51 2.03 -12.63
N LEU A 46 8.16 2.38 -11.40
CA LEU A 46 7.92 3.78 -11.04
C LEU A 46 9.24 4.54 -10.96
N PRO A 47 9.25 5.77 -11.50
CA PRO A 47 10.47 6.60 -11.52
C PRO A 47 11.07 6.81 -10.14
N ARG A 48 10.23 7.11 -9.15
CA ARG A 48 10.71 7.36 -7.80
C ARG A 48 9.70 6.91 -6.75
N ALA A 49 10.04 5.86 -6.00
CA ALA A 49 9.17 5.41 -4.93
C ALA A 49 10.00 4.90 -3.75
N ASP A 50 9.52 5.19 -2.54
CA ASP A 50 10.08 4.59 -1.33
C ASP A 50 9.12 3.52 -0.79
N LEU A 51 9.67 2.54 -0.08
CA LEU A 51 8.88 1.44 0.46
C LEU A 51 8.64 1.59 1.96
N PHE A 52 7.42 1.30 2.37
CA PHE A 52 7.01 1.39 3.76
C PHE A 52 6.41 0.03 4.19
N LEU A 53 7.05 -0.64 5.15
CA LEU A 53 6.65 -2.01 5.51
C LEU A 53 5.89 -2.09 6.83
N SER A 54 4.82 -2.89 6.88
CA SER A 54 4.27 -3.32 8.17
C SER A 54 5.21 -4.36 8.78
N ALA A 55 5.03 -4.65 10.08
CA ALA A 55 5.81 -5.71 10.72
C ALA A 55 5.55 -7.06 10.06
N ALA A 56 4.30 -7.34 9.68
CA ALA A 56 3.98 -8.63 9.06
C ALA A 56 4.59 -8.73 7.66
N ALA A 57 4.69 -7.61 6.96
CA ALA A 57 5.31 -7.60 5.63
C ALA A 57 6.78 -8.00 5.75
N GLU A 58 7.41 -7.51 6.81
CA GLU A 58 8.80 -7.77 7.07
C GLU A 58 9.07 -9.26 7.30
N GLU A 59 8.07 -9.98 7.82
CA GLU A 59 8.21 -11.42 8.01
C GLU A 59 7.83 -12.21 6.77
N VAL A 60 6.87 -11.69 6.03
CA VAL A 60 6.33 -12.40 4.87
C VAL A 60 7.19 -12.24 3.63
N LEU A 61 7.64 -11.01 3.38
CA LEU A 61 8.41 -10.72 2.17
C LEU A 61 9.59 -11.67 1.89
N PRO A 62 10.39 -12.03 2.92
CA PRO A 62 11.50 -12.95 2.64
C PRO A 62 11.04 -14.31 2.11
N LEU A 63 9.86 -14.73 2.52
CA LEU A 63 9.36 -16.04 2.14
C LEU A 63 8.95 -16.06 0.67
N TYR A 64 8.84 -14.89 0.06
CA TYR A 64 8.43 -14.79 -1.33
C TYR A 64 9.46 -14.09 -2.20
N GLY A 65 10.71 -14.09 -1.76
CA GLY A 65 11.80 -13.64 -2.60
C GLY A 65 12.26 -12.21 -2.42
N TRP A 66 11.70 -11.52 -1.43
CA TRP A 66 12.01 -10.11 -1.18
C TRP A 66 12.43 -9.79 0.25
N ALA A 67 13.52 -10.42 0.67
CA ALA A 67 14.21 -10.10 1.91
C ALA A 67 14.67 -8.65 1.88
N LEU A 68 14.83 -8.05 3.06
CA LEU A 68 15.26 -6.66 3.15
C LEU A 68 16.53 -6.30 2.34
N PRO A 69 17.59 -7.15 2.35
CA PRO A 69 18.76 -6.80 1.55
C PRO A 69 18.43 -6.62 0.06
N ARG A 70 17.51 -7.42 -0.43
CA ARG A 70 17.13 -7.30 -1.83
C ARG A 70 16.32 -6.03 -2.02
N LEU A 71 15.34 -5.79 -1.15
CA LEU A 71 14.55 -4.57 -1.25
C LEU A 71 15.43 -3.32 -1.21
N ARG A 72 16.43 -3.31 -0.33
CA ARG A 72 17.31 -2.15 -0.17
C ARG A 72 18.23 -1.90 -1.36
N LYS A 73 18.42 -2.89 -2.23
CA LYS A 73 19.17 -2.66 -3.46
C LYS A 73 18.39 -1.78 -4.43
N HIS A 74 17.06 -1.76 -4.31
CA HIS A 74 16.22 -1.07 -5.29
C HIS A 74 15.46 0.12 -4.72
N PHE A 75 15.27 0.13 -3.41
CA PHE A 75 14.49 1.18 -2.77
C PHE A 75 15.12 1.65 -1.48
N ARG A 76 14.79 2.88 -1.10
CA ARG A 76 14.86 3.27 0.30
C ARG A 76 13.74 2.53 1.02
N VAL A 77 14.05 1.89 2.15
CA VAL A 77 13.03 1.10 2.84
C VAL A 77 12.82 1.60 4.28
N PHE A 78 11.57 1.91 4.60
CA PHE A 78 11.20 2.31 5.95
C PHE A 78 10.44 1.19 6.62
N ARG A 79 10.90 0.87 7.82
CA ARG A 79 10.36 -0.23 8.58
C ARG A 79 9.56 0.27 9.75
N ASP A 80 8.60 -0.56 10.14
CA ASP A 80 7.65 -0.29 11.19
C ASP A 80 8.28 -0.49 12.56
N ASN A 81 9.31 0.30 12.87
CA ASN A 81 9.97 0.15 14.15
C ASN A 81 9.71 1.36 15.04
N SER A 82 8.45 1.80 15.03
CA SER A 82 7.96 2.78 15.99
C SER A 82 6.44 2.68 16.09
N ALA A 83 5.93 2.66 17.32
CA ALA A 83 4.49 2.63 17.56
C ALA A 83 3.84 3.92 17.03
N SER A 84 4.57 5.03 17.14
CA SER A 84 4.10 6.33 16.68
C SER A 84 4.06 6.45 15.16
N GLY A 85 4.94 5.71 14.48
CA GLY A 85 5.06 5.79 13.03
C GLY A 85 5.87 7.00 12.61
N VAL A 86 7.06 7.15 13.19
CA VAL A 86 7.94 8.30 12.95
C VAL A 86 8.20 8.70 11.46
N PRO A 87 8.29 7.71 10.53
CA PRO A 87 8.51 8.08 9.11
C PRO A 87 7.45 8.98 8.49
N VAL A 88 6.26 9.02 9.09
CA VAL A 88 5.12 9.71 8.50
C VAL A 88 5.26 11.25 8.50
N GLY A 89 6.20 11.77 9.30
CA GLY A 89 6.46 13.20 9.32
C GLY A 89 6.91 13.74 7.97
N MET A 90 7.41 12.85 7.12
CA MET A 90 7.87 13.24 5.78
C MET A 90 6.73 13.69 4.85
N LEU A 91 5.52 13.21 5.12
CA LEU A 91 4.33 13.67 4.40
C LEU A 91 4.13 15.19 4.56
N TYR A 92 4.41 15.69 5.76
CA TYR A 92 4.18 17.10 6.07
C TYR A 92 5.07 18.04 5.26
N HIS A 93 6.13 17.52 4.65
CA HIS A 93 7.05 18.39 3.94
C HIS A 93 6.93 18.23 2.44
N GLY A 94 5.91 17.51 2.00
CA GLY A 94 5.62 17.40 0.58
C GLY A 94 6.52 16.45 -0.19
N MET A 95 7.06 15.44 0.49
CA MET A 95 7.95 14.47 -0.16
C MET A 95 7.19 13.39 -0.92
N TYR A 96 5.95 13.15 -0.53
CA TYR A 96 5.16 12.10 -1.16
C TYR A 96 3.86 12.67 -1.72
N HIS A 97 3.63 12.43 -3.01
CA HIS A 97 2.48 13.03 -3.67
C HIS A 97 1.37 12.01 -3.71
N THR A 98 1.69 10.77 -3.31
CA THR A 98 0.75 9.66 -3.38
C THR A 98 1.14 8.56 -2.38
N VAL A 99 0.14 8.03 -1.69
CA VAL A 99 0.32 6.81 -0.88
C VAL A 99 -0.32 5.62 -1.61
N VAL A 100 0.46 4.54 -1.75
CA VAL A 100 -0.02 3.31 -2.37
C VAL A 100 0.04 2.22 -1.31
N ILE A 101 -0.96 1.35 -1.24
CA ILE A 101 -0.81 0.10 -0.49
C ILE A 101 -1.02 -1.09 -1.39
N ALA A 102 0.04 -1.85 -1.62
CA ALA A 102 0.02 -2.94 -2.56
C ALA A 102 1.14 -3.92 -2.25
N PRO A 103 0.77 -5.18 -1.92
CA PRO A 103 -0.61 -5.64 -1.72
C PRO A 103 -1.17 -5.17 -0.37
N ALA A 104 -2.48 -5.06 -0.28
CA ALA A 104 -3.13 -4.69 0.98
C ALA A 104 -3.90 -5.89 1.50
N THR A 105 -3.47 -6.43 2.63
CA THR A 105 -4.19 -7.52 3.29
C THR A 105 -5.60 -7.10 3.70
N SER A 106 -6.47 -8.09 3.95
CA SER A 106 -7.81 -7.80 4.44
CA SER A 106 -7.81 -7.82 4.46
C SER A 106 -7.70 -7.10 5.80
N ASN A 107 -6.71 -7.50 6.58
CA ASN A 107 -6.50 -6.86 7.87
C ASN A 107 -6.26 -5.35 7.72
N THR A 108 -5.42 -4.96 6.77
CA THR A 108 -5.11 -3.54 6.54
C THR A 108 -6.32 -2.79 5.93
N VAL A 109 -7.01 -3.43 4.98
CA VAL A 109 -8.22 -2.84 4.43
C VAL A 109 -9.25 -2.56 5.55
N ALA A 110 -9.37 -3.51 6.48
CA ALA A 110 -10.27 -3.38 7.62
C ALA A 110 -9.90 -2.16 8.46
N LYS A 111 -8.63 -2.11 8.86
CA LYS A 111 -8.13 -1.04 9.73
C LYS A 111 -8.30 0.30 9.02
N CYS A 112 -7.90 0.38 7.75
CA CYS A 112 -8.13 1.62 6.95
C CYS A 112 -9.60 2.01 6.95
N ALA A 113 -10.46 1.04 6.65
CA ALA A 113 -11.89 1.32 6.55
C ALA A 113 -12.45 1.85 7.86
N PHE A 114 -11.86 1.50 8.99
CA PHE A 114 -12.48 1.95 10.22
C PHE A 114 -11.68 3.05 10.91
N GLY A 115 -10.64 3.55 10.22
CA GLY A 115 -9.87 4.67 10.71
C GLY A 115 -8.88 4.29 11.80
N ILE A 116 -8.50 3.01 11.85
CA ILE A 116 -7.50 2.53 12.78
C ILE A 116 -6.14 2.69 12.13
N SER A 117 -5.16 3.20 12.86
CA SER A 117 -3.83 3.37 12.28
CA SER A 117 -3.82 3.37 12.30
C SER A 117 -2.73 2.97 13.28
N ASP A 118 -2.55 1.67 13.52
CA ASP A 118 -1.54 1.24 14.50
C ASP A 118 -0.44 0.42 13.81
N THR A 119 -0.28 0.62 12.50
CA THR A 119 0.85 0.08 11.73
C THR A 119 1.38 1.21 10.86
N LEU A 120 2.56 1.04 10.29
CA LEU A 120 3.12 2.08 9.45
C LEU A 120 2.26 2.31 8.17
N PRO A 121 1.88 1.24 7.43
CA PRO A 121 1.02 1.49 6.26
C PRO A 121 -0.34 2.11 6.60
N THR A 122 -0.98 1.71 7.69
CA THR A 122 -2.30 2.27 7.97
C THR A 122 -2.13 3.71 8.49
N ASN A 123 -1.03 3.97 9.19
N ASN A 123 -1.02 3.96 9.17
CA ASN A 123 -0.70 5.34 9.59
CA ASN A 123 -0.69 5.33 9.59
C ASN A 123 -0.39 6.24 8.39
C ASN A 123 -0.42 6.23 8.38
N MET A 124 0.41 5.75 7.45
CA MET A 124 0.68 6.50 6.22
C MET A 124 -0.62 6.83 5.46
N TYR A 125 -1.51 5.84 5.34
CA TYR A 125 -2.76 6.06 4.63
C TYR A 125 -3.65 7.11 5.31
N ALA A 126 -3.81 7.03 6.64
CA ALA A 126 -4.64 8.00 7.35
C ALA A 126 -4.08 9.44 7.33
N GLN A 127 -2.77 9.59 7.52
CA GLN A 127 -2.20 10.94 7.50
C GLN A 127 -2.26 11.54 6.10
N ALA A 128 -2.07 10.71 5.07
CA ALA A 128 -2.21 11.16 3.69
C ALA A 128 -3.60 11.74 3.46
N GLY A 129 -4.62 10.97 3.82
CA GLY A 129 -6.00 11.43 3.69
C GLY A 129 -6.30 12.71 4.42
N LYS A 130 -5.70 12.90 5.58
CA LYS A 130 -5.95 14.13 6.36
C LYS A 130 -5.30 15.33 5.67
N GLN A 131 -4.28 15.07 4.86
CA GLN A 131 -3.63 16.13 4.08
C GLN A 131 -4.14 16.21 2.65
N CYS A 132 -5.19 15.43 2.35
CA CYS A 132 -5.75 15.36 1.00
C CYS A 132 -4.74 14.85 -0.05
N ILE A 133 -3.81 14.03 0.40
CA ILE A 133 -2.89 13.31 -0.50
C ILE A 133 -3.54 12.00 -0.94
N PRO A 134 -3.64 11.77 -2.26
CA PRO A 134 -4.33 10.61 -2.84
C PRO A 134 -3.75 9.28 -2.41
N GLY A 135 -4.63 8.32 -2.17
CA GLY A 135 -4.22 6.98 -1.80
C GLY A 135 -4.74 5.98 -2.81
N ILE A 136 -3.92 5.00 -3.16
CA ILE A 136 -4.35 3.94 -4.07
C ILE A 136 -4.20 2.65 -3.29
N VAL A 137 -5.29 1.91 -3.10
CA VAL A 137 -5.24 0.71 -2.27
C VAL A 137 -5.54 -0.53 -3.10
N PHE A 138 -4.58 -1.48 -3.13
CA PHE A 138 -4.75 -2.72 -3.90
C PHE A 138 -5.21 -3.80 -2.95
N ALA A 139 -6.52 -3.95 -2.85
CA ALA A 139 -7.14 -5.02 -2.05
C ALA A 139 -6.96 -6.33 -2.80
N CYS A 140 -5.95 -7.11 -2.41
CA CYS A 140 -5.53 -8.27 -3.19
C CYS A 140 -6.32 -9.54 -2.82
N ASP A 141 -7.11 -9.48 -1.76
CA ASP A 141 -7.90 -10.64 -1.34
C ASP A 141 -9.40 -10.43 -1.46
N THR A 142 -9.89 -10.16 -2.67
CA THR A 142 -11.32 -9.85 -2.87
C THR A 142 -12.04 -10.80 -3.82
N GLU A 143 -11.30 -11.75 -4.38
CA GLU A 143 -11.96 -12.76 -5.19
C GLU A 143 -11.51 -14.14 -4.76
N PRO A 144 -12.34 -15.15 -5.02
CA PRO A 144 -11.92 -16.55 -4.88
C PRO A 144 -10.54 -16.76 -5.49
N THR A 145 -9.65 -17.40 -4.74
CA THR A 145 -8.33 -17.74 -5.26
C THR A 145 -7.83 -19.11 -4.78
N VAL A 146 -6.92 -19.70 -5.55
CA VAL A 146 -6.35 -21.00 -5.24
C VAL A 146 -4.98 -20.82 -4.56
N VAL A 147 -4.64 -21.72 -3.64
CA VAL A 147 -3.32 -21.70 -3.00
C VAL A 147 -2.66 -23.07 -3.05
N TRP A 154 -4.29 -28.41 -3.80
CA TRP A 154 -4.67 -27.01 -3.89
C TRP A 154 -5.79 -26.67 -2.91
N VAL A 155 -5.84 -25.42 -2.47
CA VAL A 155 -6.88 -25.00 -1.55
C VAL A 155 -7.53 -23.70 -2.03
N GLU A 156 -8.85 -23.66 -1.99
CA GLU A 156 -9.58 -22.46 -2.40
C GLU A 156 -9.84 -21.51 -1.24
N LEU A 157 -9.39 -20.27 -1.38
CA LEU A 157 -9.75 -19.22 -0.44
C LEU A 157 -10.83 -18.31 -1.02
N ARG A 158 -11.86 -18.03 -0.22
CA ARG A 158 -12.97 -17.17 -0.63
C ARG A 158 -13.18 -16.04 0.37
N PRO A 159 -13.22 -14.79 -0.10
CA PRO A 159 -13.41 -13.68 0.84
C PRO A 159 -14.78 -13.76 1.50
N ARG A 160 -14.85 -13.45 2.79
CA ARG A 160 -16.14 -13.50 3.48
C ARG A 160 -16.88 -12.18 3.25
N ALA A 161 -18.13 -12.13 3.68
CA ALA A 161 -18.93 -10.90 3.57
C ALA A 161 -18.19 -9.72 4.21
N ILE A 162 -17.52 -9.92 5.35
CA ILE A 162 -16.80 -8.81 6.01
C ILE A 162 -15.68 -8.24 5.11
N GLU A 163 -14.93 -9.09 4.43
CA GLU A 163 -13.92 -8.62 3.48
C GLU A 163 -14.57 -7.75 2.39
N LEU A 164 -15.73 -8.17 1.89
CA LEU A 164 -16.40 -7.45 0.81
C LEU A 164 -17.01 -6.14 1.32
N ASP A 165 -17.63 -6.19 2.49
CA ASP A 165 -18.12 -4.97 3.13
C ASP A 165 -16.99 -3.96 3.40
N ASN A 166 -15.82 -4.44 3.82
CA ASN A 166 -14.75 -3.51 4.15
C ASN A 166 -14.16 -2.84 2.90
N VAL A 167 -14.06 -3.60 1.82
CA VAL A 167 -13.63 -3.06 0.52
C VAL A 167 -14.62 -1.99 0.03
N GLU A 168 -15.91 -2.25 0.15
CA GLU A 168 -16.92 -1.27 -0.21
C GLU A 168 -16.83 0.00 0.66
N ARG A 169 -16.64 -0.16 1.96
CA ARG A 169 -16.46 0.98 2.87
C ARG A 169 -15.27 1.85 2.48
N LEU A 170 -14.09 1.23 2.37
CA LEU A 170 -12.87 1.97 2.05
C LEU A 170 -12.93 2.63 0.67
N SER A 171 -13.66 2.06 -0.27
CA SER A 171 -13.70 2.63 -1.61
C SER A 171 -14.49 3.94 -1.62
N ARG A 172 -15.22 4.21 -0.53
CA ARG A 172 -16.02 5.42 -0.48
C ARG A 172 -15.29 6.58 0.19
N PHE A 173 -14.09 6.31 0.71
CA PHE A 173 -13.24 7.35 1.31
C PHE A 173 -12.84 8.38 0.27
N GLU A 174 -12.80 9.63 0.70
CA GLU A 174 -12.31 10.74 -0.11
C GLU A 174 -10.83 10.50 -0.45
N TYR A 175 -10.42 10.90 -1.64
CA TYR A 175 -9.01 10.84 -2.05
C TYR A 175 -8.48 9.42 -2.13
N THR A 176 -9.38 8.46 -2.32
CA THR A 176 -9.00 7.06 -2.29
C THR A 176 -9.41 6.36 -3.58
N THR A 177 -8.49 5.58 -4.13
CA THR A 177 -8.84 4.71 -5.24
C THR A 177 -8.57 3.29 -4.81
N LEU A 178 -9.63 2.48 -4.78
CA LEU A 178 -9.50 1.08 -4.44
C LEU A 178 -9.46 0.24 -5.73
N VAL A 179 -8.44 -0.58 -5.90
CA VAL A 179 -8.34 -1.40 -7.10
C VAL A 179 -8.26 -2.88 -6.73
N ARG A 180 -8.74 -3.75 -7.61
CA ARG A 180 -8.90 -5.16 -7.24
C ARG A 180 -8.10 -6.10 -8.13
N SER A 181 -7.22 -5.53 -8.94
CA SER A 181 -6.36 -6.35 -9.79
C SER A 181 -5.08 -5.61 -10.13
N LEU A 182 -4.08 -6.36 -10.58
CA LEU A 182 -2.83 -5.78 -11.05
C LEU A 182 -3.04 -4.80 -12.19
N ASP A 183 -3.81 -5.21 -13.19
CA ASP A 183 -4.15 -4.35 -14.33
C ASP A 183 -4.71 -3.02 -13.85
N GLU A 184 -5.62 -3.08 -12.88
CA GLU A 184 -6.30 -1.90 -12.39
C GLU A 184 -5.35 -1.01 -11.60
N LEU A 185 -4.46 -1.63 -10.80
CA LEU A 185 -3.39 -0.90 -10.11
C LEU A 185 -2.52 -0.15 -11.12
N LYS A 186 -2.08 -0.86 -12.15
CA LYS A 186 -1.21 -0.29 -13.16
C LYS A 186 -1.89 0.91 -13.79
N ALA A 187 -3.19 0.81 -14.03
CA ALA A 187 -3.95 1.91 -14.61
C ALA A 187 -4.10 3.11 -13.67
N ALA A 188 -4.28 2.84 -12.38
CA ALA A 188 -4.40 3.92 -11.40
C ALA A 188 -3.07 4.67 -11.22
N LEU A 189 -1.97 3.93 -11.22
CA LEU A 189 -0.64 4.55 -11.16
C LEU A 189 -0.42 5.41 -12.40
N GLY A 190 -0.90 4.90 -13.54
CA GLY A 190 -0.78 5.61 -14.81
C GLY A 190 -1.59 6.88 -14.81
N GLU A 191 -2.83 6.80 -14.33
CA GLU A 191 -3.64 8.00 -14.17
C GLU A 191 -2.95 9.01 -13.26
N ARG A 192 -2.32 8.53 -12.19
CA ARG A 192 -1.68 9.41 -11.24
C ARG A 192 -0.51 10.16 -11.90
N LEU A 193 0.37 9.41 -12.55
CA LEU A 193 1.52 9.99 -13.26
C LEU A 193 1.09 11.02 -14.28
N SER A 194 -0.01 10.74 -14.97
CA SER A 194 -0.55 11.63 -15.98
C SER A 194 -0.99 12.95 -15.35
N THR A 195 -1.63 12.86 -14.19
CA THR A 195 -2.06 14.06 -13.47
C THR A 195 -0.86 14.90 -13.02
N LEU A 196 0.15 14.23 -12.47
CA LEU A 196 1.34 14.90 -11.98
C LEU A 196 2.29 15.36 -13.08
N ASP A 197 2.01 14.93 -14.31
CA ASP A 197 2.90 15.15 -15.45
C ASP A 197 4.29 14.54 -15.24
N LEU A 198 4.31 13.26 -14.88
CA LEU A 198 5.56 12.52 -14.73
C LEU A 198 5.67 11.38 -15.76
S SO4 B . -0.57 -6.28 8.18
O1 SO4 B . -0.62 -7.57 8.85
O2 SO4 B . 0.45 -6.27 7.16
O3 SO4 B . -1.86 -5.95 7.53
O4 SO4 B . -0.28 -5.35 9.25
S SO4 C . 17.95 -8.08 -8.37
O1 SO4 C . 19.35 -8.47 -8.29
O2 SO4 C . 17.12 -9.18 -8.85
O3 SO4 C . 17.48 -7.71 -7.03
O4 SO4 C . 17.83 -6.94 -9.28
S SO4 D . 16.60 0.35 9.68
O1 SO4 D . 17.58 -0.61 9.16
O2 SO4 D . 15.27 -0.23 9.62
O3 SO4 D . 16.93 0.68 11.07
O4 SO4 D . 16.61 1.57 8.88
#